data_4OYQ
#
_entry.id   4OYQ
#
_cell.length_a   67.690
_cell.length_b   67.690
_cell.length_c   88.770
_cell.angle_alpha   90.000
_cell.angle_beta   90.000
_cell.angle_gamma   90.000
#
_symmetry.space_group_name_H-M   'P 21 21 21'
#
loop_
_entity.id
_entity.type
_entity.pdbx_description
1 polymer 'Macrophage migration inhibitory factor'
2 non-polymer 6-isothiocyanatohexylbenzene
3 non-polymer 'SULFATE ION'
4 non-polymer GLYCEROL
5 water water
#
_entity_poly.entity_id   1
_entity_poly.type   'polypeptide(L)'
_entity_poly.pdbx_seq_one_letter_code
;PMFIVNTNVPRASVPDGFLSELTQQLAQATGKPPQYIAVHVVPDQLMAFGGSSEPCALCSLHSIGKIGGAQNRSYSKLLC
GLLAERLRISPDRVYINYYDMNAANVGWNNSTFA
;
_entity_poly.pdbx_strand_id   A,B,C
#
loop_
_chem_comp.id
_chem_comp.type
_chem_comp.name
_chem_comp.formula
1X2 non-polymer 6-isothiocyanatohexylbenzene 'C13 H17 N S'
GOL non-polymer GLYCEROL 'C3 H8 O3'
SO4 non-polymer 'SULFATE ION' 'O4 S -2'
#
# COMPACT_ATOMS: atom_id res chain seq x y z
N PRO A 1 3.09 -3.74 14.84
CA PRO A 1 2.43 -4.46 13.75
C PRO A 1 1.47 -3.45 13.13
N MET A 2 1.34 -3.50 11.82
CA MET A 2 0.47 -2.57 11.12
C MET A 2 -0.47 -3.37 10.26
N PHE A 3 -1.77 -3.09 10.37
CA PHE A 3 -2.74 -3.84 9.58
C PHE A 3 -3.57 -2.89 8.76
N ILE A 4 -3.63 -3.14 7.46
CA ILE A 4 -4.44 -2.33 6.57
C ILE A 4 -5.45 -3.21 5.85
N VAL A 5 -6.69 -2.76 5.81
CA VAL A 5 -7.77 -3.39 5.04
CA VAL A 5 -7.67 -3.44 4.97
C VAL A 5 -8.28 -2.45 3.97
N ASN A 6 -8.20 -2.86 2.72
CA ASN A 6 -8.87 -2.15 1.63
CA ASN A 6 -8.85 -2.16 1.62
C ASN A 6 -10.06 -2.97 1.18
N THR A 7 -11.23 -2.34 1.13
CA THR A 7 -12.42 -3.08 0.79
C THR A 7 -13.39 -2.25 -0.03
N ASN A 8 -14.21 -2.94 -0.82
CA ASN A 8 -15.28 -2.27 -1.57
C ASN A 8 -16.56 -2.16 -0.75
N VAL A 9 -16.54 -2.70 0.46
CA VAL A 9 -17.68 -2.52 1.37
C VAL A 9 -17.80 -1.03 1.68
N PRO A 10 -19.03 -0.48 1.65
CA PRO A 10 -19.17 0.96 1.90
C PRO A 10 -18.89 1.36 3.34
N ARG A 11 -18.52 2.62 3.54
CA ARG A 11 -18.20 3.16 4.86
C ARG A 11 -19.29 2.87 5.89
N ALA A 12 -20.54 3.04 5.50
CA ALA A 12 -21.67 2.89 6.41
C ALA A 12 -21.86 1.46 6.90
N SER A 13 -21.19 0.52 6.25
CA SER A 13 -21.27 -0.88 6.67
C SER A 13 -20.10 -1.28 7.58
N VAL A 14 -19.21 -0.34 7.85
CA VAL A 14 -18.15 -0.58 8.83
C VAL A 14 -18.73 -0.24 10.20
N PRO A 15 -18.83 -1.22 11.09
CA PRO A 15 -19.50 -1.00 12.37
C PRO A 15 -18.65 -0.19 13.34
N ASP A 16 -19.32 0.59 14.18
CA ASP A 16 -18.66 1.25 15.30
C ASP A 16 -17.81 0.26 16.07
N GLY A 17 -16.60 0.67 16.41
CA GLY A 17 -15.73 -0.18 17.20
C GLY A 17 -14.74 -0.98 16.39
N PHE A 18 -14.87 -0.94 15.07
CA PHE A 18 -14.07 -1.83 14.23
C PHE A 18 -12.55 -1.61 14.38
N LEU A 19 -12.08 -0.36 14.32
CA LEU A 19 -10.64 -0.11 14.49
C LEU A 19 -10.16 -0.60 15.85
N SER A 20 -10.99 -0.40 16.87
CA SER A 20 -10.62 -0.79 18.23
C SER A 20 -10.58 -2.30 18.36
N GLU A 21 -11.56 -2.97 17.74
CA GLU A 21 -11.56 -4.44 17.79
C GLU A 21 -10.33 -5.01 17.08
N LEU A 22 -10.02 -4.46 15.91
CA LEU A 22 -8.84 -4.91 15.19
C LEU A 22 -7.59 -4.72 16.05
N THR A 23 -7.49 -3.57 16.70
CA THR A 23 -6.34 -3.28 17.55
C THR A 23 -6.24 -4.31 18.68
N GLN A 24 -7.34 -4.50 19.39
CA GLN A 24 -7.38 -5.43 20.51
C GLN A 24 -7.01 -6.85 20.10
N GLN A 25 -7.61 -7.31 19.01
CA GLN A 25 -7.41 -8.69 18.61
C GLN A 25 -6.01 -8.93 18.05
N LEU A 26 -5.46 -7.92 17.37
CA LEU A 26 -4.08 -8.02 16.91
C LEU A 26 -3.11 -8.03 18.09
N ALA A 27 -3.39 -7.22 19.11
CA ALA A 27 -2.57 -7.25 20.33
C ALA A 27 -2.59 -8.65 20.94
N GLN A 28 -3.76 -9.24 21.02
CA GLN A 28 -3.90 -10.59 21.56
C GLN A 28 -3.12 -11.59 20.71
N ALA A 29 -3.25 -11.49 19.40
CA ALA A 29 -2.67 -12.48 18.48
C ALA A 29 -1.16 -12.39 18.37
N THR A 30 -0.61 -11.17 18.45
CA THR A 30 0.83 -10.99 18.28
C THR A 30 1.59 -10.99 19.60
N GLY A 31 0.86 -10.91 20.71
CA GLY A 31 1.46 -10.82 22.02
C GLY A 31 2.13 -9.48 22.30
N LYS A 32 1.72 -8.45 21.56
CA LYS A 32 2.32 -7.13 21.71
C LYS A 32 1.32 -6.17 22.33
N PRO A 33 1.81 -5.23 23.15
CA PRO A 33 0.90 -4.22 23.72
C PRO A 33 0.17 -3.44 22.64
N PRO A 34 -1.10 -3.12 22.89
CA PRO A 34 -1.88 -2.40 21.88
C PRO A 34 -1.29 -1.05 21.53
N GLN A 35 -0.50 -0.45 22.41
CA GLN A 35 0.14 0.83 22.11
C GLN A 35 1.03 0.78 20.86
N TYR A 36 1.47 -0.42 20.49
CA TYR A 36 2.35 -0.63 19.34
C TYR A 36 1.61 -0.83 18.03
N ILE A 37 0.31 -1.04 18.09
CA ILE A 37 -0.40 -1.53 16.91
C ILE A 37 -1.09 -0.42 16.15
N ALA A 38 -0.93 -0.41 14.83
CA ALA A 38 -1.61 0.57 13.99
C ALA A 38 -2.54 -0.16 13.05
N VAL A 39 -3.71 0.43 12.84
CA VAL A 39 -4.71 -0.17 11.98
C VAL A 39 -5.31 0.88 11.04
N HIS A 40 -5.67 0.46 9.85
CA HIS A 40 -6.10 1.38 8.81
C HIS A 40 -7.16 0.67 7.99
N VAL A 41 -8.35 1.26 7.92
CA VAL A 41 -9.44 0.63 7.17
C VAL A 41 -9.86 1.56 6.03
N VAL A 42 -9.91 1.04 4.81
CA VAL A 42 -10.21 1.86 3.65
C VAL A 42 -11.43 1.31 2.91
N PRO A 43 -12.62 1.84 3.20
CA PRO A 43 -13.82 1.34 2.55
C PRO A 43 -14.10 2.04 1.22
N ASP A 44 -15.20 1.64 0.57
CA ASP A 44 -15.69 2.28 -0.65
C ASP A 44 -14.73 2.19 -1.84
N GLN A 45 -13.85 1.19 -1.84
CA GLN A 45 -12.88 1.06 -2.91
C GLN A 45 -13.44 0.44 -4.17
N LEU A 46 -12.84 0.84 -5.30
CA LEU A 46 -13.12 0.25 -6.59
CA LEU A 46 -13.12 0.23 -6.59
C LEU A 46 -12.26 -1.00 -6.72
N MET A 47 -12.86 -2.16 -6.51
CA MET A 47 -12.11 -3.41 -6.45
C MET A 47 -12.83 -4.56 -7.12
N ALA A 48 -12.05 -5.52 -7.58
CA ALA A 48 -12.63 -6.77 -8.06
C ALA A 48 -11.76 -7.91 -7.56
N PHE A 49 -12.41 -9.04 -7.29
CA PHE A 49 -11.71 -10.22 -6.82
C PHE A 49 -12.27 -11.34 -7.65
N GLY A 50 -11.42 -11.99 -8.45
CA GLY A 50 -11.90 -13.01 -9.36
C GLY A 50 -12.79 -12.43 -10.45
N GLY A 51 -12.62 -11.15 -10.74
CA GLY A 51 -13.38 -10.49 -11.79
C GLY A 51 -14.74 -9.97 -11.34
N SER A 52 -15.10 -10.27 -10.09
CA SER A 52 -16.41 -9.89 -9.56
C SER A 52 -16.28 -8.80 -8.50
N SER A 53 -17.29 -7.92 -8.43
CA SER A 53 -17.28 -6.81 -7.49
C SER A 53 -18.11 -7.09 -6.23
N GLU A 54 -18.40 -8.36 -5.96
CA GLU A 54 -18.99 -8.73 -4.67
C GLU A 54 -18.00 -8.34 -3.57
N PRO A 55 -18.49 -8.19 -2.32
CA PRO A 55 -17.59 -7.75 -1.24
C PRO A 55 -16.31 -8.57 -1.19
N CYS A 56 -15.20 -7.86 -1.04
CA CYS A 56 -13.89 -8.47 -0.99
C CYS A 56 -12.96 -7.57 -0.21
N ALA A 57 -11.77 -8.07 0.08
CA ALA A 57 -10.80 -7.24 0.78
C ALA A 57 -9.41 -7.61 0.37
N LEU A 58 -8.56 -6.60 0.25
CA LEU A 58 -7.14 -6.82 0.09
C LEU A 58 -6.46 -6.19 1.30
N CYS A 59 -5.71 -6.99 2.03
CA CYS A 59 -5.14 -6.54 3.30
C CYS A 59 -3.64 -6.74 3.37
N SER A 60 -3.02 -6.07 4.34
CA SER A 60 -1.63 -6.34 4.63
CA SER A 60 -1.61 -6.27 4.61
C SER A 60 -1.38 -6.29 6.12
N LEU A 61 -0.47 -7.12 6.57
CA LEU A 61 -0.02 -7.09 7.96
C LEU A 61 1.49 -7.01 7.93
N HIS A 62 2.05 -5.88 8.35
CA HIS A 62 3.49 -5.75 8.48
C HIS A 62 3.84 -5.92 9.95
N SER A 63 4.90 -6.64 10.25
CA SER A 63 5.29 -6.81 11.65
C SER A 63 6.79 -7.00 11.73
N ILE A 64 7.38 -6.51 12.82
CA ILE A 64 8.79 -6.78 13.06
C ILE A 64 8.83 -8.09 13.83
N GLY A 65 9.05 -9.17 13.11
CA GLY A 65 8.90 -10.50 13.66
C GLY A 65 7.45 -10.92 13.83
N LYS A 66 7.24 -12.08 14.45
CA LYS A 66 5.92 -12.67 14.66
C LYS A 66 5.25 -12.98 13.32
N ILE A 67 6.06 -13.17 12.29
CA ILE A 67 5.57 -13.57 10.96
C ILE A 67 6.18 -14.91 10.59
N GLY A 68 5.34 -15.85 10.15
CA GLY A 68 5.83 -17.17 9.79
C GLY A 68 4.71 -18.09 9.42
N GLY A 69 5.04 -19.30 8.98
CA GLY A 69 4.04 -20.22 8.47
C GLY A 69 2.81 -20.41 9.35
N ALA A 70 3.02 -20.93 10.54
CA ALA A 70 1.90 -21.22 11.45
C ALA A 70 1.25 -19.93 11.96
N GLN A 71 2.07 -18.94 12.30
CA GLN A 71 1.53 -17.68 12.80
C GLN A 71 0.62 -17.01 11.78
N ASN A 72 1.03 -17.05 10.52
CA ASN A 72 0.28 -16.40 9.47
C ASN A 72 -1.06 -17.10 9.26
N ARG A 73 -1.06 -18.42 9.38
CA ARG A 73 -2.31 -19.18 9.31
C ARG A 73 -3.26 -18.73 10.43
N SER A 74 -2.72 -18.56 11.63
CA SER A 74 -3.51 -18.11 12.77
CA SER A 74 -3.50 -18.10 12.77
C SER A 74 -4.03 -16.69 12.55
N TYR A 75 -3.17 -15.80 12.04
CA TYR A 75 -3.62 -14.44 11.74
C TYR A 75 -4.73 -14.44 10.71
N SER A 76 -4.61 -15.32 9.72
CA SER A 76 -5.59 -15.36 8.66
C SER A 76 -6.94 -15.82 9.16
N LYS A 77 -6.92 -16.82 10.05
CA LYS A 77 -8.16 -17.29 10.65
C LYS A 77 -8.80 -16.16 11.46
N LEU A 78 -8.00 -15.47 12.25
CA LEU A 78 -8.49 -14.36 13.04
C LEU A 78 -9.07 -13.25 12.16
N LEU A 79 -8.29 -12.81 11.18
CA LEU A 79 -8.64 -11.61 10.43
C LEU A 79 -9.77 -11.87 9.44
N CYS A 80 -9.75 -13.03 8.76
CA CYS A 80 -10.88 -13.40 7.93
C CYS A 80 -12.14 -13.53 8.77
N GLY A 81 -11.99 -14.08 9.98
CA GLY A 81 -13.11 -14.20 10.89
C GLY A 81 -13.71 -12.84 11.19
N LEU A 82 -12.87 -11.84 11.44
CA LEU A 82 -13.38 -10.50 11.76
C LEU A 82 -14.00 -9.83 10.55
N LEU A 83 -13.40 -10.00 9.39
CA LEU A 83 -13.95 -9.40 8.18
C LEU A 83 -15.28 -10.05 7.82
N ALA A 84 -15.41 -11.35 8.04
CA ALA A 84 -16.67 -12.03 7.74
C ALA A 84 -17.77 -11.59 8.70
N GLU A 85 -17.44 -11.52 9.98
CA GLU A 85 -18.42 -11.16 10.99
C GLU A 85 -18.83 -9.68 10.92
N ARG A 86 -17.85 -8.80 10.76
CA ARG A 86 -18.13 -7.37 10.86
C ARG A 86 -18.48 -6.71 9.53
N LEU A 87 -17.82 -7.13 8.45
CA LEU A 87 -18.04 -6.51 7.14
C LEU A 87 -18.77 -7.41 6.16
N ARG A 88 -19.10 -8.64 6.59
CA ARG A 88 -19.85 -9.60 5.77
C ARG A 88 -19.10 -9.95 4.48
N ILE A 89 -17.78 -10.00 4.58
CA ILE A 89 -16.93 -10.42 3.47
C ILE A 89 -16.57 -11.91 3.61
N SER A 90 -16.82 -12.67 2.56
CA SER A 90 -16.46 -14.09 2.55
CA SER A 90 -16.46 -14.09 2.55
C SER A 90 -14.96 -14.27 2.65
N PRO A 91 -14.50 -15.17 3.53
CA PRO A 91 -13.06 -15.37 3.68
C PRO A 91 -12.36 -15.76 2.38
N ASP A 92 -13.08 -16.36 1.43
CA ASP A 92 -12.41 -16.74 0.18
C ASP A 92 -12.36 -15.58 -0.82
N ARG A 93 -12.77 -14.39 -0.36
CA ARG A 93 -12.63 -13.18 -1.15
C ARG A 93 -11.75 -12.19 -0.39
N VAL A 94 -10.85 -12.74 0.41
CA VAL A 94 -9.87 -11.95 1.16
C VAL A 94 -8.46 -12.41 0.82
N TYR A 95 -7.58 -11.46 0.50
CA TYR A 95 -6.15 -11.74 0.50
C TYR A 95 -5.51 -10.89 1.58
N ILE A 96 -4.56 -11.49 2.30
CA ILE A 96 -3.76 -10.78 3.29
C ILE A 96 -2.29 -11.00 3.01
N ASN A 97 -1.58 -9.94 2.64
CA ASN A 97 -0.13 -10.05 2.44
C ASN A 97 0.59 -9.84 3.77
N TYR A 98 1.45 -10.78 4.13
CA TYR A 98 2.23 -10.70 5.37
C TYR A 98 3.66 -10.29 5.06
N TYR A 99 4.18 -9.36 5.86
CA TYR A 99 5.53 -8.86 5.65
C TYR A 99 6.26 -8.89 6.97
N ASP A 100 7.36 -9.65 6.99
CA ASP A 100 8.30 -9.64 8.11
C ASP A 100 9.29 -8.50 7.93
N MET A 101 9.10 -7.40 8.64
CA MET A 101 9.96 -6.24 8.49
C MET A 101 11.19 -6.33 9.37
N ASN A 102 12.34 -5.94 8.83
CA ASN A 102 13.53 -5.73 9.64
C ASN A 102 13.37 -4.46 10.49
N ALA A 103 13.81 -4.51 11.74
CA ALA A 103 13.73 -3.35 12.64
C ALA A 103 14.35 -2.09 12.04
N ALA A 104 15.44 -2.28 11.29
CA ALA A 104 16.13 -1.15 10.66
C ALA A 104 15.30 -0.52 9.56
N ASN A 105 14.29 -1.23 9.08
CA ASN A 105 13.46 -0.76 7.98
C ASN A 105 12.09 -0.29 8.43
N VAL A 106 11.94 0.02 9.71
CA VAL A 106 10.70 0.62 10.21
C VAL A 106 11.06 1.89 10.98
N GLY A 107 10.63 3.03 10.43
CA GLY A 107 10.84 4.31 11.08
C GLY A 107 9.72 4.63 12.06
N TRP A 108 10.08 5.35 13.12
CA TRP A 108 9.15 5.75 14.16
C TRP A 108 9.85 6.81 14.98
N ASN A 109 9.14 7.88 15.32
CA ASN A 109 9.67 8.86 16.28
C ASN A 109 11.08 9.37 15.94
N ASN A 110 11.23 9.84 14.70
CA ASN A 110 12.46 10.46 14.22
C ASN A 110 13.64 9.51 14.03
N SER A 111 13.38 8.21 14.16
CA SER A 111 14.45 7.23 14.04
C SER A 111 13.90 5.94 13.48
N THR A 112 14.59 4.83 13.72
CA THR A 112 14.03 3.51 13.41
C THR A 112 14.06 2.60 14.63
N PHE A 113 13.55 1.39 14.47
CA PHE A 113 13.55 0.45 15.59
C PHE A 113 14.85 -0.32 15.74
N ALA A 114 15.79 -0.09 14.83
CA ALA A 114 17.08 -0.78 14.89
C ALA A 114 17.81 -0.47 16.19
N PRO B 1 12.46 7.02 -6.19
CA PRO B 1 12.01 6.95 -4.80
C PRO B 1 10.54 7.28 -4.81
N MET B 2 9.78 6.54 -4.02
CA MET B 2 8.34 6.72 -3.91
CA MET B 2 8.35 6.75 -3.92
C MET B 2 7.98 6.87 -2.45
N PHE B 3 7.33 7.97 -2.10
CA PHE B 3 6.94 8.16 -0.72
C PHE B 3 5.44 8.30 -0.64
N ILE B 4 4.83 7.47 0.19
CA ILE B 4 3.39 7.51 0.40
CA ILE B 4 3.39 7.55 0.40
C ILE B 4 3.10 7.80 1.87
N VAL B 5 2.18 8.72 2.14
CA VAL B 5 1.74 8.93 3.51
CA VAL B 5 1.74 8.94 3.50
C VAL B 5 0.22 8.81 3.58
N ASN B 6 -0.21 7.92 4.47
CA ASN B 6 -1.63 7.79 4.78
CA ASN B 6 -1.61 7.75 4.80
C ASN B 6 -1.84 8.37 6.16
N THR B 7 -2.85 9.23 6.28
CA THR B 7 -3.06 9.91 7.53
C THR B 7 -4.53 10.20 7.75
N ASN B 8 -4.93 10.30 9.02
CA ASN B 8 -6.30 10.70 9.37
C ASN B 8 -6.46 12.22 9.45
N VAL B 9 -5.37 12.96 9.26
CA VAL B 9 -5.46 14.41 9.17
C VAL B 9 -6.34 14.79 7.97
N PRO B 10 -7.24 15.77 8.14
CA PRO B 10 -8.13 16.22 7.06
C PRO B 10 -7.38 16.82 5.86
N ARG B 11 -7.96 16.69 4.67
CA ARG B 11 -7.40 17.27 3.46
C ARG B 11 -7.12 18.77 3.62
N ALA B 12 -8.04 19.48 4.25
CA ALA B 12 -7.90 20.93 4.44
C ALA B 12 -6.68 21.30 5.28
N SER B 13 -6.17 20.35 6.06
CA SER B 13 -5.01 20.61 6.91
C SER B 13 -3.69 20.31 6.21
N VAL B 14 -3.75 19.81 4.98
CA VAL B 14 -2.55 19.63 4.18
C VAL B 14 -2.22 20.95 3.48
N PRO B 15 -1.06 21.55 3.80
CA PRO B 15 -0.83 22.91 3.31
C PRO B 15 -0.42 22.97 1.83
N ASP B 16 -0.65 24.11 1.20
CA ASP B 16 -0.17 24.32 -0.16
C ASP B 16 1.33 24.03 -0.20
N GLY B 17 1.75 23.31 -1.24
CA GLY B 17 3.16 23.08 -1.44
C GLY B 17 3.70 21.81 -0.81
N PHE B 18 2.86 21.08 -0.09
CA PHE B 18 3.33 19.90 0.64
C PHE B 18 3.93 18.82 -0.26
N LEU B 19 3.27 18.49 -1.37
CA LEU B 19 3.84 17.49 -2.30
C LEU B 19 5.16 17.99 -2.89
N SER B 20 5.23 19.28 -3.15
CA SER B 20 6.42 19.86 -3.72
C SER B 20 7.56 19.84 -2.71
N GLU B 21 7.24 20.14 -1.46
CA GLU B 21 8.25 20.12 -0.40
C GLU B 21 8.76 18.71 -0.19
N LEU B 22 7.84 17.74 -0.13
CA LEU B 22 8.25 16.35 0.00
C LEU B 22 9.17 15.94 -1.14
N THR B 23 8.82 16.33 -2.36
CA THR B 23 9.61 15.99 -3.54
C THR B 23 11.03 16.58 -3.42
N GLN B 24 11.10 17.86 -3.09
CA GLN B 24 12.37 18.55 -2.96
C GLN B 24 13.23 17.94 -1.86
N GLN B 25 12.62 17.68 -0.70
CA GLN B 25 13.38 17.17 0.44
C GLN B 25 13.81 15.72 0.21
N LEU B 26 12.98 14.93 -0.46
CA LEU B 26 13.38 13.57 -0.81
C LEU B 26 14.52 13.55 -1.83
N ALA B 27 14.52 14.52 -2.75
CA ALA B 27 15.62 14.63 -3.71
C ALA B 27 16.92 14.88 -2.95
N GLN B 28 16.84 15.78 -1.98
CA GLN B 28 18.03 16.14 -1.21
C GLN B 28 18.52 14.94 -0.41
N ALA B 29 17.59 14.24 0.22
CA ALA B 29 17.92 13.13 1.13
C ALA B 29 18.43 11.88 0.41
N THR B 30 17.81 11.54 -0.72
CA THR B 30 18.12 10.29 -1.41
C THR B 30 19.22 10.45 -2.45
N GLY B 31 19.49 11.70 -2.82
CA GLY B 31 20.46 11.98 -3.86
C GLY B 31 19.91 11.81 -5.27
N LYS B 32 18.66 11.36 -5.39
CA LYS B 32 18.05 11.13 -6.71
C LYS B 32 17.50 12.45 -7.28
N PRO B 33 17.46 12.56 -8.63
CA PRO B 33 16.88 13.76 -9.25
C PRO B 33 15.39 13.84 -8.97
N PRO B 34 14.87 15.05 -8.75
CA PRO B 34 13.45 15.23 -8.45
C PRO B 34 12.54 14.66 -9.55
N GLN B 35 13.02 14.62 -10.79
CA GLN B 35 12.21 14.15 -11.91
C GLN B 35 11.79 12.68 -11.77
N TYR B 36 12.47 11.95 -10.89
CA TYR B 36 12.16 10.54 -10.71
C TYR B 36 11.52 10.27 -9.36
N ILE B 37 11.19 11.33 -8.63
CA ILE B 37 10.60 11.12 -7.31
C ILE B 37 9.09 11.18 -7.40
N ALA B 38 8.43 10.19 -6.79
CA ALA B 38 6.98 10.19 -6.74
C ALA B 38 6.50 10.32 -5.29
N VAL B 39 5.46 11.12 -5.10
CA VAL B 39 4.92 11.37 -3.77
CA VAL B 39 4.92 11.32 -3.76
C VAL B 39 3.40 11.23 -3.80
N HIS B 40 2.84 10.69 -2.73
CA HIS B 40 1.43 10.37 -2.68
C HIS B 40 0.95 10.63 -1.26
N VAL B 41 0.00 11.53 -1.10
CA VAL B 41 -0.52 11.87 0.23
C VAL B 41 -1.99 11.50 0.27
N VAL B 42 -2.37 10.73 1.28
CA VAL B 42 -3.74 10.25 1.42
C VAL B 42 -4.31 10.69 2.75
N PRO B 43 -5.05 11.81 2.75
CA PRO B 43 -5.63 12.35 3.98
C PRO B 43 -7.00 11.74 4.30
N ASP B 44 -7.58 12.13 5.43
CA ASP B 44 -8.96 11.78 5.81
C ASP B 44 -9.16 10.28 6.00
N GLN B 45 -8.11 9.57 6.36
CA GLN B 45 -8.19 8.12 6.48
C GLN B 45 -8.75 7.67 7.84
N LEU B 46 -9.42 6.52 7.83
CA LEU B 46 -9.90 5.88 9.06
C LEU B 46 -8.77 5.06 9.61
N MET B 47 -8.12 5.60 10.64
CA MET B 47 -6.91 4.99 11.18
C MET B 47 -6.87 5.05 12.68
N ALA B 48 -6.18 4.11 13.29
CA ALA B 48 -5.83 4.25 14.69
C ALA B 48 -4.38 3.85 14.89
N PHE B 49 -3.76 4.41 15.92
CA PHE B 49 -2.37 4.14 16.23
C PHE B 49 -2.33 4.01 17.73
N GLY B 50 -1.96 2.82 18.21
CA GLY B 50 -1.96 2.57 19.64
C GLY B 50 -3.36 2.58 20.22
N GLY B 51 -4.34 2.32 19.37
CA GLY B 51 -5.74 2.24 19.76
C GLY B 51 -6.46 3.58 19.77
N SER B 52 -5.76 4.66 19.46
CA SER B 52 -6.41 5.97 19.47
C SER B 52 -6.34 6.64 18.11
N SER B 53 -7.19 7.64 17.89
CA SER B 53 -7.27 8.25 16.58
CA SER B 53 -7.30 8.27 16.59
C SER B 53 -6.90 9.74 16.59
N GLU B 54 -5.99 10.10 17.49
CA GLU B 54 -5.32 11.39 17.38
C GLU B 54 -4.55 11.34 16.06
N PRO B 55 -4.08 12.50 15.57
CA PRO B 55 -3.36 12.48 14.29
C PRO B 55 -2.24 11.46 14.28
N CYS B 56 -2.17 10.72 13.19
CA CYS B 56 -1.14 9.72 13.02
C CYS B 56 -0.88 9.53 11.54
N ALA B 57 0.17 8.80 11.22
CA ALA B 57 0.46 8.50 9.84
C ALA B 57 1.12 7.13 9.71
N LEU B 58 0.74 6.43 8.65
CA LEU B 58 1.45 5.25 8.21
C LEU B 58 2.02 5.54 6.83
N CYS B 59 3.33 5.36 6.70
CA CYS B 59 4.02 5.78 5.49
C CYS B 59 4.88 4.68 4.93
N SER B 60 5.27 4.85 3.67
CA SER B 60 6.24 3.95 3.07
CA SER B 60 6.22 3.94 3.02
C SER B 60 7.20 4.74 2.17
N LEU B 61 8.44 4.29 2.14
CA LEU B 61 9.43 4.84 1.21
C LEU B 61 10.03 3.67 0.46
N HIS B 62 9.78 3.63 -0.84
CA HIS B 62 10.39 2.64 -1.73
C HIS B 62 11.52 3.31 -2.46
N SER B 63 12.64 2.62 -2.58
CA SER B 63 13.75 3.18 -3.32
C SER B 63 14.59 2.04 -3.87
N ILE B 64 15.18 2.26 -5.04
CA ILE B 64 16.16 1.32 -5.55
C ILE B 64 17.50 1.70 -4.93
N GLY B 65 17.87 1.01 -3.86
CA GLY B 65 19.04 1.38 -3.10
C GLY B 65 18.79 2.60 -2.22
N LYS B 66 19.86 3.09 -1.60
CA LYS B 66 19.81 4.21 -0.65
C LYS B 66 18.89 3.90 0.53
N ILE B 67 18.78 2.62 0.86
CA ILE B 67 18.05 2.14 2.04
C ILE B 67 19.03 1.39 2.94
N GLY B 68 19.04 1.72 4.22
CA GLY B 68 19.91 1.03 5.16
C GLY B 68 19.80 1.61 6.54
N GLY B 69 20.54 1.04 7.48
CA GLY B 69 20.47 1.45 8.88
C GLY B 69 20.54 2.95 9.11
N ALA B 70 21.65 3.56 8.74
CA ALA B 70 21.86 4.97 9.00
C ALA B 70 21.00 5.86 8.10
N GLN B 71 20.88 5.48 6.83
CA GLN B 71 20.06 6.24 5.88
C GLN B 71 18.61 6.30 6.32
N ASN B 72 18.07 5.18 6.77
CA ASN B 72 16.67 5.15 7.20
C ASN B 72 16.43 6.00 8.45
N ARG B 73 17.41 6.03 9.36
CA ARG B 73 17.29 6.90 10.51
C ARG B 73 17.24 8.37 10.07
N SER B 74 18.06 8.71 9.08
CA SER B 74 18.06 10.06 8.54
CA SER B 74 18.06 10.05 8.52
C SER B 74 16.73 10.39 7.85
N TYR B 75 16.23 9.46 7.05
CA TYR B 75 14.93 9.67 6.39
C TYR B 75 13.85 9.87 7.42
N SER B 76 13.90 9.10 8.50
CA SER B 76 12.86 9.15 9.50
C SER B 76 12.86 10.50 10.21
N LYS B 77 14.05 11.01 10.49
CA LYS B 77 14.18 12.32 11.12
C LYS B 77 13.59 13.38 10.19
N LEU B 78 13.96 13.30 8.92
CA LEU B 78 13.46 14.25 7.92
C LEU B 78 11.94 14.17 7.78
N LEU B 79 11.43 12.96 7.61
CA LEU B 79 10.02 12.78 7.24
C LEU B 79 9.11 13.03 8.43
N CYS B 80 9.46 12.51 9.60
CA CYS B 80 8.75 12.86 10.82
C CYS B 80 8.76 14.36 11.07
N GLY B 81 9.88 15.01 10.76
CA GLY B 81 9.99 16.44 10.95
C GLY B 81 8.97 17.16 10.10
N LEU B 82 8.84 16.74 8.85
CA LEU B 82 7.92 17.38 7.92
C LEU B 82 6.47 17.11 8.32
N LEU B 83 6.19 15.88 8.74
CA LEU B 83 4.83 15.53 9.15
C LEU B 83 4.42 16.31 10.39
N ALA B 84 5.36 16.52 11.30
CA ALA B 84 5.06 17.27 12.51
C ALA B 84 4.86 18.73 12.19
N GLU B 85 5.75 19.28 11.36
CA GLU B 85 5.71 20.70 11.06
C GLU B 85 4.49 21.05 10.23
N ARG B 86 4.23 20.24 9.21
CA ARG B 86 3.23 20.59 8.20
C ARG B 86 1.84 20.03 8.50
N LEU B 87 1.77 18.81 9.04
CA LEU B 87 0.47 18.19 9.32
C LEU B 87 0.14 18.11 10.81
N ARG B 88 1.07 18.58 11.65
CA ARG B 88 0.90 18.58 13.11
C ARG B 88 0.71 17.17 13.67
N ILE B 89 1.42 16.21 13.08
CA ILE B 89 1.42 14.85 13.59
C ILE B 89 2.64 14.59 14.46
N SER B 90 2.42 14.09 15.67
CA SER B 90 3.52 13.74 16.56
CA SER B 90 3.53 13.75 16.55
C SER B 90 4.39 12.64 15.96
N PRO B 91 5.71 12.80 15.99
CA PRO B 91 6.57 11.75 15.45
C PRO B 91 6.38 10.39 16.09
N ASP B 92 5.91 10.32 17.34
CA ASP B 92 5.72 9.02 17.95
C ASP B 92 4.38 8.39 17.54
N ARG B 93 3.70 9.02 16.58
CA ARG B 93 2.48 8.42 16.02
C ARG B 93 2.65 8.28 14.51
N VAL B 94 3.90 8.07 14.10
CA VAL B 94 4.23 7.83 12.69
C VAL B 94 5.00 6.51 12.57
N TYR B 95 4.58 5.66 11.64
CA TYR B 95 5.42 4.54 11.21
C TYR B 95 5.78 4.76 9.76
N ILE B 96 7.03 4.46 9.40
CA ILE B 96 7.47 4.53 8.01
C ILE B 96 8.12 3.20 7.65
N ASN B 97 7.54 2.49 6.68
CA ASN B 97 8.14 1.25 6.18
C ASN B 97 9.12 1.55 5.05
N TYR B 98 10.36 1.06 5.16
CA TYR B 98 11.35 1.28 4.14
C TYR B 98 11.54 0.01 3.31
N TYR B 99 11.57 0.19 1.99
CA TYR B 99 11.73 -0.94 1.07
C TYR B 99 12.85 -0.67 0.08
N ASP B 100 13.84 -1.55 0.10
CA ASP B 100 14.93 -1.52 -0.86
C ASP B 100 14.52 -2.41 -2.04
N MET B 101 14.15 -1.77 -3.15
CA MET B 101 13.62 -2.47 -4.31
C MET B 101 14.75 -2.87 -5.25
N ASN B 102 14.67 -4.09 -5.77
CA ASN B 102 15.57 -4.48 -6.86
C ASN B 102 15.14 -3.77 -8.14
N ALA B 103 16.10 -3.23 -8.90
CA ALA B 103 15.77 -2.49 -10.12
C ALA B 103 14.89 -3.31 -11.07
N ALA B 104 15.07 -4.64 -11.06
CA ALA B 104 14.29 -5.50 -11.96
C ALA B 104 12.82 -5.60 -11.51
N ASN B 105 12.54 -5.15 -10.28
CA ASN B 105 11.21 -5.19 -9.71
C ASN B 105 10.54 -3.81 -9.64
N VAL B 106 11.10 -2.86 -10.38
CA VAL B 106 10.44 -1.56 -10.53
C VAL B 106 10.17 -1.25 -11.99
N GLY B 107 8.89 -1.24 -12.35
CA GLY B 107 8.49 -0.94 -13.71
C GLY B 107 8.36 0.56 -13.93
N TRP B 108 8.69 0.99 -15.14
CA TRP B 108 8.61 2.38 -15.53
C TRP B 108 8.76 2.46 -17.03
N ASN B 109 7.92 3.29 -17.67
CA ASN B 109 8.05 3.58 -19.08
C ASN B 109 8.14 2.32 -19.97
N ASN B 110 7.18 1.43 -19.79
CA ASN B 110 7.04 0.19 -20.58
C ASN B 110 8.11 -0.86 -20.34
N SER B 111 8.96 -0.65 -19.35
CA SER B 111 10.01 -1.60 -19.03
C SER B 111 10.29 -1.58 -17.53
N THR B 112 11.52 -1.93 -17.15
CA THR B 112 11.92 -1.85 -15.74
C THR B 112 13.28 -1.14 -15.66
N PHE B 113 13.73 -0.87 -14.44
CA PHE B 113 15.00 -0.17 -14.26
C PHE B 113 16.22 -1.07 -14.33
N ALA B 114 16.00 -2.36 -14.50
CA ALA B 114 17.11 -3.31 -14.61
C ALA B 114 17.97 -3.01 -15.84
N PRO C 1 -2.45 -13.23 -8.14
CA PRO C 1 -1.79 -11.98 -8.49
C PRO C 1 -2.73 -10.86 -8.06
N MET C 2 -2.18 -9.78 -7.51
CA MET C 2 -3.00 -8.66 -7.06
C MET C 2 -2.44 -7.41 -7.67
N PHE C 3 -3.28 -6.64 -8.34
CA PHE C 3 -2.76 -5.44 -9.01
C PHE C 3 -3.48 -4.21 -8.48
N ILE C 4 -2.70 -3.25 -8.01
CA ILE C 4 -3.26 -2.02 -7.47
C ILE C 4 -2.77 -0.82 -8.27
N VAL C 5 -3.68 0.06 -8.64
CA VAL C 5 -3.32 1.32 -9.32
C VAL C 5 -3.79 2.49 -8.49
N ASN C 6 -2.84 3.35 -8.10
CA ASN C 6 -3.18 4.63 -7.48
CA ASN C 6 -3.16 4.62 -7.48
C ASN C 6 -2.89 5.74 -8.49
N THR C 7 -3.86 6.59 -8.72
CA THR C 7 -3.69 7.61 -9.75
C THR C 7 -4.42 8.89 -9.38
N ASN C 8 -3.94 10.01 -9.92
CA ASN C 8 -4.60 11.30 -9.73
C ASN C 8 -5.65 11.56 -10.82
N VAL C 9 -5.77 10.63 -11.75
CA VAL C 9 -6.84 10.69 -12.75
C VAL C 9 -8.19 10.61 -12.02
N PRO C 10 -9.15 11.46 -12.42
CA PRO C 10 -10.44 11.44 -11.72
C PRO C 10 -11.25 10.17 -11.95
N ARG C 11 -12.10 9.84 -10.99
CA ARG C 11 -12.99 8.67 -11.08
C ARG C 11 -13.76 8.59 -12.39
N ALA C 12 -14.30 9.72 -12.86
CA ALA C 12 -15.11 9.74 -14.07
C ALA C 12 -14.30 9.36 -15.30
N SER C 13 -12.97 9.48 -15.22
CA SER C 13 -12.11 9.13 -16.35
C SER C 13 -11.71 7.65 -16.35
N VAL C 14 -12.14 6.91 -15.33
CA VAL C 14 -11.94 5.47 -15.32
C VAL C 14 -13.08 4.79 -16.04
N PRO C 15 -12.80 4.15 -17.20
CA PRO C 15 -13.90 3.63 -18.00
C PRO C 15 -14.61 2.45 -17.33
N ASP C 16 -15.91 2.31 -17.59
CA ASP C 16 -16.63 1.14 -17.14
C ASP C 16 -15.96 -0.07 -17.77
N GLY C 17 -15.82 -1.14 -17.01
CA GLY C 17 -15.18 -2.33 -17.51
C GLY C 17 -13.67 -2.37 -17.33
N PHE C 18 -13.10 -1.30 -16.79
CA PHE C 18 -11.66 -1.24 -16.61
C PHE C 18 -11.15 -2.33 -15.68
N LEU C 19 -11.86 -2.57 -14.58
CA LEU C 19 -11.43 -3.61 -13.63
C LEU C 19 -11.49 -4.97 -14.28
N SER C 20 -12.55 -5.20 -15.07
CA SER C 20 -12.71 -6.48 -15.75
C SER C 20 -11.62 -6.67 -16.79
N GLU C 21 -11.27 -5.58 -17.47
CA GLU C 21 -10.22 -5.65 -18.49
C GLU C 21 -8.89 -5.97 -17.84
N LEU C 22 -8.56 -5.28 -16.75
CA LEU C 22 -7.33 -5.56 -16.02
C LEU C 22 -7.29 -7.03 -15.60
N THR C 23 -8.41 -7.54 -15.13
CA THR C 23 -8.48 -8.94 -14.66
C THR C 23 -8.18 -9.90 -15.80
N GLN C 24 -8.87 -9.71 -16.92
CA GLN C 24 -8.67 -10.58 -18.07
C GLN C 24 -7.24 -10.47 -18.61
N GLN C 25 -6.71 -9.26 -18.69
CA GLN C 25 -5.36 -9.08 -19.23
C GLN C 25 -4.28 -9.67 -18.34
N LEU C 26 -4.45 -9.54 -17.03
CA LEU C 26 -3.51 -10.13 -16.07
C LEU C 26 -3.61 -11.64 -16.09
N ALA C 27 -4.81 -12.14 -16.28
CA ALA C 27 -5.01 -13.59 -16.34
C ALA C 27 -4.22 -14.17 -17.50
N GLN C 28 -4.31 -13.53 -18.67
CA GLN C 28 -3.57 -13.98 -19.83
C GLN C 28 -2.08 -13.86 -19.61
N ALA C 29 -1.66 -12.72 -19.04
CA ALA C 29 -0.25 -12.41 -18.84
C ALA C 29 0.44 -13.31 -17.82
N THR C 30 -0.28 -13.71 -16.78
CA THR C 30 0.31 -14.53 -15.73
C THR C 30 0.06 -16.01 -15.96
N GLY C 31 -0.84 -16.33 -16.90
CA GLY C 31 -1.22 -17.70 -17.18
C GLY C 31 -2.03 -18.30 -16.03
N LYS C 32 -2.77 -17.45 -15.33
CA LYS C 32 -3.55 -17.90 -14.18
C LYS C 32 -5.05 -17.67 -14.42
N PRO C 33 -5.89 -18.52 -13.81
CA PRO C 33 -7.33 -18.33 -13.97
C PRO C 33 -7.77 -17.02 -13.34
N PRO C 34 -8.72 -16.33 -13.99
CA PRO C 34 -9.15 -15.02 -13.50
C PRO C 34 -9.72 -15.09 -12.09
N GLN C 35 -10.24 -16.25 -11.66
CA GLN C 35 -10.73 -16.43 -10.29
C GLN C 35 -9.69 -16.09 -9.22
N TYR C 36 -8.41 -16.19 -9.56
CA TYR C 36 -7.31 -15.89 -8.63
C TYR C 36 -6.92 -14.41 -8.56
N ILE C 37 -7.43 -13.61 -9.49
CA ILE C 37 -6.85 -12.29 -9.70
C ILE C 37 -7.66 -11.21 -9.00
N ALA C 38 -6.96 -10.35 -8.26
CA ALA C 38 -7.61 -9.23 -7.58
C ALA C 38 -7.07 -7.94 -8.15
N VAL C 39 -7.96 -6.97 -8.36
CA VAL C 39 -7.60 -5.69 -8.94
CA VAL C 39 -7.56 -5.69 -8.90
C VAL C 39 -8.21 -4.57 -8.11
N HIS C 40 -7.50 -3.46 -8.01
CA HIS C 40 -7.89 -2.38 -7.12
C HIS C 40 -7.44 -1.09 -7.79
N VAL C 41 -8.39 -0.21 -8.10
CA VAL C 41 -8.05 1.07 -8.74
C VAL C 41 -8.45 2.20 -7.82
N VAL C 42 -7.52 3.13 -7.59
CA VAL C 42 -7.76 4.23 -6.66
C VAL C 42 -7.52 5.55 -7.37
N PRO C 43 -8.60 6.15 -7.89
CA PRO C 43 -8.48 7.44 -8.58
C PRO C 43 -8.52 8.64 -7.64
N ASP C 44 -8.46 9.84 -8.22
CA ASP C 44 -8.60 11.11 -7.50
C ASP C 44 -7.58 11.32 -6.40
N GLN C 45 -6.41 10.70 -6.54
CA GLN C 45 -5.40 10.81 -5.51
C GLN C 45 -4.57 12.08 -5.61
N LEU C 46 -4.11 12.55 -4.45
CA LEU C 46 -3.21 13.69 -4.35
C LEU C 46 -1.79 13.19 -4.50
N MET C 47 -1.27 13.33 -5.73
CA MET C 47 -0.03 12.70 -6.12
C MET C 47 0.82 13.64 -6.94
N ALA C 48 2.13 13.46 -6.86
CA ALA C 48 3.04 14.11 -7.80
C ALA C 48 4.04 13.09 -8.30
N PHE C 49 4.47 13.28 -9.54
CA PHE C 49 5.49 12.44 -10.15
C PHE C 49 6.45 13.41 -10.81
N GLY C 50 7.70 13.42 -10.33
CA GLY C 50 8.70 14.33 -10.84
C GLY C 50 8.38 15.77 -10.51
N GLY C 51 7.67 15.98 -9.40
CA GLY C 51 7.31 17.32 -8.97
C GLY C 51 6.08 17.88 -9.68
N SER C 52 5.53 17.11 -10.62
CA SER C 52 4.39 17.53 -11.42
C SER C 52 3.12 16.75 -11.11
N SER C 53 1.97 17.40 -11.23
CA SER C 53 0.70 16.73 -11.00
C SER C 53 -0.10 16.45 -12.28
N GLU C 54 0.59 16.39 -13.41
CA GLU C 54 0.02 15.79 -14.61
C GLU C 54 -0.37 14.34 -14.28
N PRO C 55 -1.26 13.74 -15.07
CA PRO C 55 -1.68 12.35 -14.81
C PRO C 55 -0.49 11.42 -14.59
N CYS C 56 -0.58 10.61 -13.54
CA CYS C 56 0.48 9.68 -13.20
C CYS C 56 -0.14 8.52 -12.45
N ALA C 57 0.65 7.47 -12.22
CA ALA C 57 0.16 6.32 -11.48
C ALA C 57 1.29 5.67 -10.69
N LEU C 58 0.97 5.24 -9.49
CA LEU C 58 1.84 4.38 -8.69
C LEU C 58 1.11 3.07 -8.51
N CYS C 59 1.74 1.99 -8.93
CA CYS C 59 1.09 0.68 -8.97
C CYS C 59 1.90 -0.38 -8.26
N SER C 60 1.23 -1.48 -7.92
CA SER C 60 1.94 -2.65 -7.42
CA SER C 60 1.89 -2.65 -7.35
C SER C 60 1.33 -3.89 -8.01
N LEU C 61 2.17 -4.90 -8.22
CA LEU C 61 1.74 -6.21 -8.67
C LEU C 61 2.37 -7.20 -7.70
N HIS C 62 1.55 -7.83 -6.88
CA HIS C 62 2.00 -8.91 -5.99
C HIS C 62 1.64 -10.22 -6.63
N SER C 63 2.54 -11.19 -6.60
CA SER C 63 2.22 -12.47 -7.19
C SER C 63 3.00 -13.55 -6.48
N ILE C 64 2.40 -14.74 -6.34
CA ILE C 64 3.13 -15.87 -5.79
C ILE C 64 3.82 -16.54 -6.97
N GLY C 65 5.09 -16.22 -7.16
CA GLY C 65 5.80 -16.63 -8.37
C GLY C 65 5.42 -15.75 -9.55
N LYS C 66 5.92 -16.11 -10.73
CA LYS C 66 5.64 -15.41 -11.99
C LYS C 66 6.14 -13.97 -11.95
N ILE C 67 7.18 -13.76 -11.14
CA ILE C 67 7.84 -12.46 -11.02
C ILE C 67 9.31 -12.67 -11.36
N GLY C 68 9.88 -11.81 -12.21
CA GLY C 68 11.28 -11.93 -12.57
C GLY C 68 11.67 -10.90 -13.61
N GLY C 69 12.96 -10.83 -13.94
CA GLY C 69 13.45 -9.80 -14.85
C GLY C 69 12.65 -9.64 -16.13
N ALA C 70 12.60 -10.69 -16.94
CA ALA C 70 11.92 -10.60 -18.22
C ALA C 70 10.38 -10.51 -18.07
N GLN C 71 9.83 -11.28 -17.14
CA GLN C 71 8.40 -11.24 -16.91
C GLN C 71 7.93 -9.84 -16.51
N ASN C 72 8.72 -9.18 -15.65
CA ASN C 72 8.35 -7.85 -15.18
C ASN C 72 8.39 -6.83 -16.31
N ARG C 73 9.37 -6.98 -17.21
CA ARG C 73 9.44 -6.11 -18.39
C ARG C 73 8.17 -6.31 -19.23
N SER C 74 7.73 -7.55 -19.34
CA SER C 74 6.52 -7.84 -20.11
C SER C 74 5.28 -7.24 -19.44
N TYR C 75 5.17 -7.42 -18.13
CA TYR C 75 4.08 -6.81 -17.38
C TYR C 75 4.07 -5.30 -17.52
N SER C 76 5.25 -4.68 -17.52
CA SER C 76 5.33 -3.23 -17.56
C SER C 76 4.82 -2.71 -18.91
N LYS C 77 5.21 -3.39 -20.00
CA LYS C 77 4.74 -2.99 -21.31
C LYS C 77 3.22 -3.14 -21.37
N LEU C 78 2.73 -4.26 -20.88
CA LEU C 78 1.29 -4.50 -20.84
C LEU C 78 0.54 -3.44 -20.03
N LEU C 79 0.97 -3.26 -18.80
CA LEU C 79 0.24 -2.43 -17.84
C LEU C 79 0.34 -0.93 -18.17
N CYS C 80 1.52 -0.49 -18.57
CA CYS C 80 1.66 0.88 -19.04
C CYS C 80 0.79 1.10 -20.27
N GLY C 81 0.70 0.06 -21.10
CA GLY C 81 -0.11 0.13 -22.30
C GLY C 81 -1.56 0.38 -21.95
N LEU C 82 -2.07 -0.36 -20.96
CA LEU C 82 -3.45 -0.23 -20.54
C LEU C 82 -3.71 1.11 -19.88
N LEU C 83 -2.75 1.57 -19.08
CA LEU C 83 -2.91 2.83 -18.39
C LEU C 83 -2.89 3.98 -19.38
N ALA C 84 -2.04 3.89 -20.40
CA ALA C 84 -1.99 4.94 -21.42
C ALA C 84 -3.25 4.93 -22.28
N GLU C 85 -3.69 3.75 -22.70
CA GLU C 85 -4.87 3.62 -23.53
C GLU C 85 -6.16 4.05 -22.81
N ARG C 86 -6.34 3.58 -21.58
CA ARG C 86 -7.62 3.76 -20.89
C ARG C 86 -7.68 4.98 -19.96
N LEU C 87 -6.57 5.33 -19.33
CA LEU C 87 -6.58 6.43 -18.38
C LEU C 87 -5.81 7.65 -18.88
N ARG C 88 -5.22 7.52 -20.07
CA ARG C 88 -4.45 8.59 -20.72
C ARG C 88 -3.24 9.01 -19.88
N ILE C 89 -2.61 8.04 -19.22
CA ILE C 89 -1.42 8.32 -18.43
C ILE C 89 -0.18 7.96 -19.23
N SER C 90 0.77 8.88 -19.34
CA SER C 90 2.00 8.60 -20.05
CA SER C 90 2.00 8.60 -20.05
C SER C 90 2.78 7.50 -19.34
N PRO C 91 3.31 6.54 -20.11
CA PRO C 91 4.07 5.45 -19.48
C PRO C 91 5.28 5.93 -18.66
N ASP C 92 5.84 7.08 -19.00
CA ASP C 92 6.98 7.58 -18.24
C ASP C 92 6.54 8.33 -16.96
N ARG C 93 5.24 8.25 -16.64
CA ARG C 93 4.75 8.78 -15.37
C ARG C 93 4.04 7.66 -14.63
N VAL C 94 4.50 6.44 -14.88
CA VAL C 94 3.99 5.25 -14.18
C VAL C 94 5.13 4.50 -13.49
N TYR C 95 4.98 4.21 -12.20
CA TYR C 95 5.83 3.24 -11.52
C TYR C 95 5.02 2.03 -11.13
N ILE C 96 5.60 0.85 -11.32
CA ILE C 96 4.98 -0.39 -10.88
C ILE C 96 5.97 -1.18 -10.02
N ASN C 97 5.64 -1.38 -8.75
CA ASN C 97 6.47 -2.19 -7.87
C ASN C 97 6.05 -3.66 -7.98
N TYR C 98 7.00 -4.56 -8.23
CA TYR C 98 6.72 -5.98 -8.35
C TYR C 98 7.18 -6.71 -7.08
N TYR C 99 6.32 -7.57 -6.55
CA TYR C 99 6.60 -8.32 -5.34
C TYR C 99 6.40 -9.81 -5.55
N ASP C 100 7.48 -10.58 -5.38
CA ASP C 100 7.38 -12.04 -5.41
C ASP C 100 7.05 -12.54 -4.01
N MET C 101 5.80 -12.91 -3.79
CA MET C 101 5.34 -13.33 -2.47
C MET C 101 5.52 -14.81 -2.23
N ASN C 102 6.02 -15.18 -1.05
CA ASN C 102 6.02 -16.59 -0.66
CA ASN C 102 6.02 -16.58 -0.64
C ASN C 102 4.60 -17.04 -0.33
N ALA C 103 4.27 -18.26 -0.72
CA ALA C 103 2.94 -18.80 -0.46
C ALA C 103 2.53 -18.72 1.01
N ALA C 104 3.48 -18.92 1.92
CA ALA C 104 3.19 -18.88 3.34
C ALA C 104 2.86 -17.46 3.83
N ASN C 105 3.19 -16.45 3.02
CA ASN C 105 2.97 -15.06 3.41
C ASN C 105 1.78 -14.43 2.69
N VAL C 106 0.92 -15.27 2.12
CA VAL C 106 -0.33 -14.78 1.56
C VAL C 106 -1.51 -15.51 2.20
N GLY C 107 -2.30 -14.76 2.96
CA GLY C 107 -3.48 -15.30 3.60
C GLY C 107 -4.66 -15.29 2.66
N TRP C 108 -5.51 -16.28 2.83
CA TRP C 108 -6.72 -16.43 2.04
C TRP C 108 -7.61 -17.47 2.69
N ASN C 109 -8.91 -17.23 2.74
CA ASN C 109 -9.84 -18.24 3.21
C ASN C 109 -9.46 -18.90 4.56
N ASN C 110 -9.21 -18.06 5.56
CA ASN C 110 -8.90 -18.48 6.93
C ASN C 110 -7.56 -19.18 7.10
N SER C 111 -6.73 -19.18 6.06
CA SER C 111 -5.45 -19.86 6.14
C SER C 111 -4.47 -19.12 5.24
N THR C 112 -3.43 -19.81 4.77
CA THR C 112 -2.54 -19.23 3.76
C THR C 112 -2.39 -20.20 2.60
N PHE C 113 -1.68 -19.78 1.57
CA PHE C 113 -1.48 -20.64 0.41
C PHE C 113 -0.34 -21.65 0.61
N ALA C 114 0.30 -21.61 1.78
CA ALA C 114 1.35 -22.60 2.08
C ALA C 114 0.86 -24.04 1.95
C10 1X2 D . 11.08 -6.01 18.09
C11 1X2 D . 10.60 -7.32 18.09
C12 1X2 D . 11.40 -8.33 17.53
C13 1X2 D . 12.65 -8.04 16.99
C14 1X2 D . 13.12 -6.71 17.00
C15 1X2 D . 12.32 -5.70 17.55
S01 1X2 D . 5.20 -3.20 13.34
C02 1X2 D . 4.27 -3.11 14.76
N03 1X2 D . 4.75 -2.41 15.90
C04 1X2 D . 6.11 -1.91 15.81
C05 1X2 D . 6.91 -2.66 16.85
C06 1X2 D . 8.19 -1.93 17.24
C07 1X2 D . 8.91 -2.73 18.30
C08 1X2 D . 9.69 -3.94 17.62
C09 1X2 D . 10.22 -4.91 18.70
S SO4 E . 5.96 -20.09 12.64
O1 SO4 E . 6.01 -20.48 14.05
O2 SO4 E . 7.28 -19.62 12.20
O3 SO4 E . 5.58 -21.28 11.84
O4 SO4 E . 4.97 -19.04 12.49
C1 GOL F . 11.56 -13.84 14.48
O1 GOL F . 12.66 -13.05 14.08
C2 GOL F . 11.13 -13.38 15.86
O2 GOL F . 11.44 -12.00 15.98
C3 GOL F . 9.63 -13.55 16.05
O3 GOL F . 9.30 -13.09 17.34
C10 1X2 G . 18.77 8.41 -11.87
C11 1X2 G . 19.36 9.10 -12.94
C12 1X2 G . 20.44 9.94 -12.68
C13 1X2 G . 20.93 10.10 -11.38
C14 1X2 G . 20.35 9.41 -10.32
C15 1X2 G . 19.26 8.57 -10.57
S01 1X2 G . 11.83 4.47 -6.49
C02 1X2 G . 12.37 5.98 -7.03
N03 1X2 G . 12.77 6.15 -8.38
C04 1X2 G . 12.64 4.95 -9.21
C05 1X2 G . 13.99 4.67 -9.81
C06 1X2 G . 14.84 5.96 -9.89
C07 1X2 G . 16.12 5.79 -10.68
C08 1X2 G . 16.89 7.18 -10.73
C09 1X2 G . 17.60 7.47 -12.11
S SO4 H . 23.82 6.88 12.62
O1 SO4 H . 24.19 7.55 13.87
O2 SO4 H . 24.46 7.57 11.49
O3 SO4 H . 24.26 5.48 12.63
O4 SO4 H . 22.37 6.92 12.48
S SO4 I . 23.53 2.66 5.75
O1 SO4 I . 23.75 2.41 7.19
O2 SO4 I . 24.60 3.56 5.28
O3 SO4 I . 23.58 1.38 5.04
O4 SO4 I . 22.24 3.31 5.52
C1 GOL J . -10.19 4.17 17.84
O1 GOL J . -10.49 4.70 16.57
C2 GOL J . -10.12 5.29 18.89
O2 GOL J . -10.78 6.45 18.44
C3 GOL J . -10.72 4.83 20.20
O3 GOL J . -11.02 5.95 21.01
C10 1X2 K . 1.13 -21.09 -6.48
C11 1X2 K . 1.86 -20.77 -7.62
C12 1X2 K . 3.26 -20.91 -7.62
C13 1X2 K . 3.92 -21.36 -6.49
C14 1X2 K . 3.18 -21.69 -5.35
C15 1X2 K . 1.79 -21.55 -5.33
S01 1X2 K . -1.38 -13.42 -5.73
C02 1X2 K . -2.39 -13.93 -6.99
N03 1X2 K . -3.17 -15.10 -6.84
C04 1X2 K . -2.93 -15.83 -5.62
C05 1X2 K . -2.42 -17.17 -6.07
C06 1X2 K . -2.94 -18.30 -5.16
C07 1X2 K . -2.47 -19.64 -5.68
C08 1X2 K . -0.88 -19.73 -5.65
C09 1X2 K . -0.38 -20.95 -6.49
S SO4 L . 12.45 -14.16 -15.70
O1 SO4 L . 12.79 -14.70 -14.37
O2 SO4 L . 13.58 -13.37 -16.21
O3 SO4 L . 12.16 -15.26 -16.62
O4 SO4 L . 11.25 -13.33 -15.60
#